data_3HR6
#
_entry.id   3HR6
#
_cell.length_a   34.761
_cell.length_b   63.683
_cell.length_c   198.113
_cell.angle_alpha   90.00
_cell.angle_beta   90.00
_cell.angle_gamma   90.00
#
_symmetry.space_group_name_H-M   'P 21 21 21'
#
loop_
_entity.id
_entity.type
_entity.pdbx_description
1 polymer 'Putative surface-anchored fimbrial subunit'
2 non-polymer 'CALCIUM ION'
3 non-polymer 'IODIDE ION'
4 water water
#
_entity_poly.entity_id   1
_entity_poly.type   'polypeptide(L)'
_entity_poly.pdbx_seq_one_letter_code
;GPERTSIAVHALMGLPTGQPANGTKLDSIGLPKVDGMSFTLYRVNEIDLTTQAGWDAASKIKLEELYTNGHPTDKVTKVA
TKKTEGGVAKFDNLTPALYLVVQELNGAEAVVRSQPFLVAAPQTNPTGDGWLQDVHVYPKHQALSEPVKTAVDPDATQPG
FSVGENVKYRVATKIPEIASNTKFEGFTVADKLPAELGKPDTNKITVTLGGKPINSTDVSVQTYQVGDRTVLSVQLAGAT
LQSLDQHKDQELVVEFEAPVTKQPENGQLDNQAWVLPSNPTAQWDPEESGDAALRGMPSSRVSSKFGQITIEKSFDGNTP
GADRTATFQLHRCEADGSLVKSDPPISLDGKQEFVTGQDGKAVLSGIHLGTLQLESNVMKYTDAWAGKGTEFCLVETATA
SGYELLPKPVIVKLEANESTNVLVEQKVKIDNKKKN
;
_entity_poly.pdbx_strand_id   A
#
loop_
_chem_comp.id
_chem_comp.type
_chem_comp.name
_chem_comp.formula
CA non-polymer 'CALCIUM ION' 'Ca 2'
IOD non-polymer 'IODIDE ION' 'I -1'
#
# COMPACT_ATOMS: atom_id res chain seq x y z
N ARG A 4 17.60 -43.29 -1.69
CA ARG A 4 17.33 -41.84 -1.36
C ARG A 4 16.54 -41.14 -2.48
N THR A 5 15.57 -40.35 -2.05
CA THR A 5 14.53 -39.88 -2.93
CA THR A 5 14.52 -39.86 -2.94
C THR A 5 14.55 -38.35 -2.93
N SER A 6 13.78 -37.74 -3.83
CA SER A 6 13.62 -36.29 -3.82
C SER A 6 12.21 -35.92 -4.27
N ILE A 7 11.76 -34.77 -3.79
CA ILE A 7 10.50 -34.16 -4.23
C ILE A 7 10.81 -32.81 -4.83
N ALA A 8 10.46 -32.66 -6.11
CA ALA A 8 10.58 -31.42 -6.83
C ALA A 8 9.20 -30.78 -6.88
N VAL A 9 9.04 -29.65 -6.19
CA VAL A 9 7.78 -28.91 -6.18
C VAL A 9 7.83 -27.83 -7.25
N HIS A 10 6.89 -27.90 -8.19
CA HIS A 10 6.69 -26.87 -9.19
C HIS A 10 5.40 -26.10 -8.89
N ALA A 11 5.53 -24.80 -8.65
CA ALA A 11 4.43 -23.99 -8.25
C ALA A 11 3.78 -23.42 -9.49
N LEU A 12 2.60 -23.91 -9.83
CA LEU A 12 1.90 -23.49 -11.04
C LEU A 12 0.87 -22.42 -10.74
N MET A 13 0.84 -21.38 -11.57
CA MET A 13 -0.20 -20.36 -11.48
CA MET A 13 -0.22 -20.37 -11.44
C MET A 13 -1.37 -20.72 -12.38
N GLY A 14 -2.55 -20.95 -11.80
CA GLY A 14 -3.73 -21.25 -12.61
C GLY A 14 -4.77 -22.00 -11.82
N LEU A 15 -5.87 -22.35 -12.48
CA LEU A 15 -6.99 -23.00 -11.83
C LEU A 15 -6.97 -24.51 -12.11
N PRO A 16 -7.12 -25.34 -11.04
CA PRO A 16 -7.16 -26.79 -11.25
C PRO A 16 -8.35 -27.20 -12.11
N THR A 17 -8.21 -28.31 -12.85
CA THR A 17 -9.33 -28.84 -13.67
C THR A 17 -10.30 -29.73 -12.89
N GLY A 18 -9.75 -30.61 -12.03
CA GLY A 18 -10.54 -31.62 -11.31
C GLY A 18 -10.20 -33.00 -11.81
N GLY A 30 0.37 -27.71 -18.34
CA GLY A 30 1.33 -26.77 -18.90
C GLY A 30 1.23 -25.34 -18.37
N LEU A 31 0.63 -25.18 -17.18
CA LEU A 31 0.50 -23.89 -16.57
C LEU A 31 1.86 -23.30 -16.25
N PRO A 32 1.94 -21.98 -16.20
CA PRO A 32 3.22 -21.32 -15.91
C PRO A 32 3.75 -21.66 -14.54
N LYS A 33 5.05 -21.97 -14.44
CA LYS A 33 5.71 -22.15 -13.14
C LYS A 33 6.09 -20.78 -12.60
N VAL A 34 6.11 -20.65 -11.29
CA VAL A 34 6.35 -19.36 -10.66
C VAL A 34 7.52 -19.48 -9.71
N ASP A 35 8.41 -18.49 -9.74
CA ASP A 35 9.50 -18.46 -8.78
C ASP A 35 9.13 -17.70 -7.52
N GLY A 36 9.88 -17.98 -6.45
CA GLY A 36 9.70 -17.30 -5.18
C GLY A 36 8.55 -17.82 -4.37
N MET A 37 7.99 -18.98 -4.77
CA MET A 37 6.88 -19.56 -4.04
C MET A 37 7.48 -20.43 -2.95
N SER A 38 6.96 -20.26 -1.72
CA SER A 38 7.58 -20.81 -0.53
C SER A 38 6.83 -22.04 -0.08
N PHE A 39 7.57 -23.13 0.12
CA PHE A 39 7.02 -24.39 0.54
C PHE A 39 7.77 -24.95 1.70
N THR A 40 7.04 -25.55 2.62
CA THR A 40 7.64 -26.35 3.64
C THR A 40 7.30 -27.84 3.38
N LEU A 41 8.34 -28.67 3.44
CA LEU A 41 8.21 -30.11 3.40
C LEU A 41 8.17 -30.67 4.82
N TYR A 42 7.14 -31.46 5.13
CA TYR A 42 7.02 -32.22 6.36
C TYR A 42 7.00 -33.71 6.08
N ARG A 43 7.57 -34.49 6.98
CA ARG A 43 7.43 -35.95 6.96
C ARG A 43 6.20 -36.35 7.77
N VAL A 44 5.38 -37.26 7.24
CA VAL A 44 4.24 -37.78 7.98
C VAL A 44 4.73 -38.84 8.94
N ASN A 45 4.58 -38.57 10.24
CA ASN A 45 5.07 -39.48 11.26
C ASN A 45 4.38 -40.83 11.22
N GLU A 46 5.19 -41.87 11.42
CA GLU A 46 4.68 -43.22 11.63
C GLU A 46 3.80 -43.72 10.52
N ILE A 47 4.26 -43.51 9.29
CA ILE A 47 3.67 -44.13 8.13
C ILE A 47 4.83 -44.76 7.38
N ASP A 48 4.79 -46.08 7.27
CA ASP A 48 5.77 -46.85 6.50
C ASP A 48 5.00 -47.42 5.31
N LEU A 49 5.23 -46.84 4.14
CA LEU A 49 4.49 -47.25 2.94
C LEU A 49 4.96 -48.58 2.33
N THR A 50 5.97 -49.21 2.93
CA THR A 50 6.45 -50.52 2.48
C THR A 50 5.68 -51.66 3.16
N THR A 51 4.80 -51.30 4.09
CA THR A 51 3.98 -52.27 4.83
C THR A 51 2.49 -52.02 4.56
N GLN A 52 1.67 -53.03 4.88
CA GLN A 52 0.22 -52.91 4.71
C GLN A 52 -0.41 -52.05 5.81
N ALA A 53 0.09 -52.18 7.04
CA ALA A 53 -0.25 -51.26 8.13
C ALA A 53 -0.12 -49.80 7.68
N GLY A 54 1.02 -49.45 7.13
CA GLY A 54 1.30 -48.07 6.73
C GLY A 54 0.59 -47.63 5.46
N TRP A 55 0.50 -48.53 4.48
CA TRP A 55 -0.15 -48.23 3.20
C TRP A 55 -1.65 -47.95 3.39
N ASP A 56 -2.25 -48.66 4.34
CA ASP A 56 -3.67 -48.51 4.68
C ASP A 56 -3.94 -47.35 5.64
N ALA A 57 -2.97 -47.03 6.50
CA ALA A 57 -3.02 -45.80 7.31
C ALA A 57 -2.94 -44.56 6.43
N ALA A 58 -2.12 -44.61 5.38
CA ALA A 58 -1.99 -43.53 4.41
C ALA A 58 -3.30 -43.26 3.68
N SER A 59 -4.09 -44.32 3.45
CA SER A 59 -5.38 -44.21 2.75
C SER A 59 -6.53 -43.75 3.67
N LYS A 60 -6.33 -43.80 4.98
CA LYS A 60 -7.33 -43.27 5.92
C LYS A 60 -7.08 -41.80 6.27
N ILE A 61 -5.89 -41.27 5.96
CA ILE A 61 -5.46 -39.96 6.46
C ILE A 61 -6.45 -38.85 6.08
N LYS A 62 -6.75 -38.00 7.06
CA LYS A 62 -7.54 -36.80 6.86
C LYS A 62 -6.57 -35.66 7.00
N LEU A 63 -6.40 -34.87 5.94
CA LEU A 63 -5.42 -33.79 5.97
C LEU A 63 -5.58 -32.90 7.22
N GLU A 64 -6.81 -32.76 7.73
CA GLU A 64 -7.03 -31.93 8.93
C GLU A 64 -6.31 -32.51 10.15
N GLU A 65 -6.01 -33.81 10.12
CA GLU A 65 -5.27 -34.47 11.20
C GLU A 65 -3.79 -34.09 11.19
N LEU A 66 -3.27 -33.75 10.01
CA LEU A 66 -1.84 -33.44 9.83
C LEU A 66 -1.56 -31.95 9.88
N TYR A 67 -2.59 -31.17 9.60
CA TYR A 67 -2.42 -29.73 9.41
C TYR A 67 -3.80 -29.09 9.50
N THR A 68 -3.95 -28.08 10.34
CA THR A 68 -5.23 -27.41 10.52
C THR A 68 -5.00 -26.03 11.10
N ASN A 69 -5.86 -25.09 10.73
CA ASN A 69 -5.78 -23.69 11.19
C ASN A 69 -4.47 -22.98 10.81
N GLY A 70 -3.93 -23.29 9.63
CA GLY A 70 -2.71 -22.67 9.14
C GLY A 70 -1.40 -23.10 9.77
N HIS A 71 -1.40 -24.27 10.43
CA HIS A 71 -0.23 -24.79 11.17
C HIS A 71 -0.23 -26.33 11.19
N PRO A 72 0.96 -26.97 11.22
CA PRO A 72 1.03 -28.44 11.29
C PRO A 72 0.63 -28.96 12.67
N THR A 73 0.10 -30.18 12.74
CA THR A 73 -0.17 -30.84 14.03
C THR A 73 1.03 -31.70 14.38
N ASP A 74 0.96 -32.40 15.52
CA ASP A 74 2.10 -33.20 15.99
C ASP A 74 2.29 -34.49 15.21
N LYS A 75 1.41 -34.71 14.23
CA LYS A 75 1.45 -35.89 13.39
C LYS A 75 2.51 -35.81 12.26
N VAL A 76 3.14 -34.65 12.09
CA VAL A 76 4.17 -34.46 11.08
C VAL A 76 5.44 -33.86 11.72
N THR A 77 6.58 -34.03 11.03
CA THR A 77 7.86 -33.42 11.40
C THR A 77 8.41 -32.61 10.23
N LYS A 78 8.72 -31.34 10.47
CA LYS A 78 9.29 -30.45 9.45
C LYS A 78 10.65 -30.96 8.99
N VAL A 79 10.88 -30.91 7.67
CA VAL A 79 12.15 -31.29 7.06
C VAL A 79 12.91 -30.05 6.64
N ALA A 80 12.26 -29.21 5.84
CA ALA A 80 12.88 -28.01 5.35
C ALA A 80 11.85 -27.08 4.73
N THR A 81 12.28 -25.87 4.47
CA THR A 81 11.47 -24.91 3.77
CA THR A 81 11.47 -24.88 3.78
C THR A 81 12.33 -24.25 2.70
N LYS A 82 11.75 -24.03 1.53
CA LYS A 82 12.44 -23.24 0.51
C LYS A 82 11.52 -22.63 -0.54
N LYS A 83 12.09 -21.75 -1.32
CA LYS A 83 11.37 -21.05 -2.37
C LYS A 83 11.71 -21.65 -3.73
N THR A 84 10.75 -21.63 -4.63
CA THR A 84 11.01 -22.11 -5.98
C THR A 84 12.01 -21.15 -6.67
N GLU A 85 12.89 -21.74 -7.44
CA GLU A 85 13.81 -20.99 -8.30
C GLU A 85 13.96 -21.82 -9.56
N GLY A 86 13.94 -21.16 -10.70
CA GLY A 86 13.92 -21.86 -12.00
C GLY A 86 12.70 -22.77 -12.12
N GLY A 87 11.61 -22.37 -11.48
CA GLY A 87 10.34 -23.05 -11.52
C GLY A 87 10.20 -24.21 -10.55
N VAL A 88 11.18 -24.45 -9.71
CA VAL A 88 11.15 -25.63 -8.85
C VAL A 88 11.77 -25.39 -7.47
N ALA A 89 11.17 -26.01 -6.44
CA ALA A 89 11.80 -26.14 -5.13
C ALA A 89 12.06 -27.61 -4.98
N LYS A 90 13.32 -28.01 -5.10
CA LYS A 90 13.72 -29.42 -4.97
C LYS A 90 14.22 -29.80 -3.57
N PHE A 91 13.52 -30.71 -2.90
CA PHE A 91 13.92 -31.23 -1.60
C PHE A 91 14.61 -32.56 -1.87
N ASP A 92 15.94 -32.57 -1.74
CA ASP A 92 16.80 -33.65 -2.21
C ASP A 92 17.30 -34.48 -1.02
N ASN A 93 17.80 -35.68 -1.29
CA ASN A 93 18.42 -36.55 -0.28
C ASN A 93 17.44 -36.94 0.86
N LEU A 94 16.24 -37.36 0.46
CA LEU A 94 15.16 -37.69 1.40
C LEU A 94 15.06 -39.18 1.67
N THR A 95 14.71 -39.50 2.91
CA THR A 95 14.48 -40.89 3.30
C THR A 95 13.10 -41.29 2.76
N PRO A 96 12.97 -42.53 2.30
CA PRO A 96 11.65 -42.97 1.84
C PRO A 96 10.58 -42.79 2.93
N ALA A 97 9.51 -42.07 2.60
CA ALA A 97 8.45 -41.76 3.59
C ALA A 97 7.22 -41.19 2.88
N LEU A 98 6.14 -40.99 3.63
CA LEU A 98 5.01 -40.16 3.18
C LEU A 98 5.31 -38.72 3.57
N TYR A 99 5.20 -37.80 2.62
CA TYR A 99 5.46 -36.39 2.90
C TYR A 99 4.25 -35.51 2.74
N LEU A 100 4.30 -34.36 3.38
CA LEU A 100 3.26 -33.36 3.25
C LEU A 100 3.93 -32.06 2.81
N VAL A 101 3.45 -31.51 1.69
CA VAL A 101 3.99 -30.29 1.13
C VAL A 101 3.03 -29.16 1.46
N VAL A 102 3.53 -28.13 2.11
CA VAL A 102 2.69 -27.00 2.53
C VAL A 102 3.20 -25.73 1.88
N GLN A 103 2.43 -25.15 0.97
CA GLN A 103 2.77 -23.81 0.50
C GLN A 103 2.53 -22.80 1.62
N GLU A 104 3.45 -21.86 1.74
CA GLU A 104 3.44 -20.89 2.83
C GLU A 104 3.04 -19.52 2.30
N LEU A 105 2.79 -18.63 3.25
CA LEU A 105 2.33 -17.28 2.97
C LEU A 105 3.47 -16.26 2.87
N ASN A 106 4.72 -16.74 2.94
CA ASN A 106 5.93 -15.91 2.90
C ASN A 106 6.75 -16.02 1.56
N GLY A 107 6.05 -16.29 0.47
CA GLY A 107 6.68 -16.25 -0.87
C GLY A 107 7.10 -14.85 -1.25
N ALA A 108 7.83 -14.73 -2.35
CA ALA A 108 8.33 -13.44 -2.85
C ALA A 108 7.17 -12.52 -3.18
N GLU A 109 6.10 -13.12 -3.71
CA GLU A 109 4.86 -12.44 -4.04
C GLU A 109 3.73 -13.11 -3.28
N ALA A 110 2.74 -12.33 -2.89
CA ALA A 110 1.54 -12.86 -2.30
C ALA A 110 0.64 -13.53 -3.34
N VAL A 111 0.20 -14.73 -3.01
CA VAL A 111 -0.75 -15.49 -3.84
C VAL A 111 -1.84 -16.17 -2.97
N VAL A 112 -2.88 -16.70 -3.63
CA VAL A 112 -3.82 -17.60 -3.00
C VAL A 112 -3.16 -18.97 -3.11
N ARG A 113 -2.63 -19.41 -1.98
CA ARG A 113 -1.72 -20.55 -1.94
C ARG A 113 -2.41 -21.86 -2.13
N SER A 114 -1.61 -22.84 -2.54
CA SER A 114 -2.03 -24.20 -2.64
C SER A 114 -2.33 -24.74 -1.25
N GLN A 115 -3.33 -25.61 -1.17
CA GLN A 115 -3.60 -26.36 0.05
C GLN A 115 -2.49 -27.38 0.30
N PRO A 116 -2.34 -27.81 1.56
CA PRO A 116 -1.44 -28.92 1.83
C PRO A 116 -1.80 -30.18 1.08
N PHE A 117 -0.80 -30.96 0.69
CA PHE A 117 -1.05 -32.19 0.00
C PHE A 117 0.03 -33.23 0.27
N LEU A 118 -0.36 -34.48 0.15
CA LEU A 118 0.52 -35.61 0.45
C LEU A 118 1.29 -36.02 -0.80
N VAL A 119 2.54 -36.45 -0.59
CA VAL A 119 3.40 -36.99 -1.65
C VAL A 119 4.19 -38.16 -1.06
N ALA A 120 4.03 -39.32 -1.65
CA ALA A 120 4.86 -40.47 -1.32
C ALA A 120 6.19 -40.38 -2.06
N ALA A 121 7.27 -40.81 -1.41
CA ALA A 121 8.55 -40.94 -2.10
C ALA A 121 9.26 -42.14 -1.53
N PRO A 122 9.74 -43.05 -2.41
CA PRO A 122 9.65 -43.00 -3.85
C PRO A 122 8.24 -43.36 -4.34
N GLN A 123 8.02 -43.28 -5.65
CA GLN A 123 6.80 -43.76 -6.25
C GLN A 123 7.17 -44.78 -7.30
N THR A 124 6.18 -45.47 -7.86
CA THR A 124 6.40 -46.31 -9.03
C THR A 124 6.36 -45.46 -10.27
N ASN A 125 7.27 -45.71 -11.21
CA ASN A 125 7.26 -44.98 -12.47
C ASN A 125 5.91 -45.22 -13.15
N PRO A 126 5.28 -44.16 -13.68
CA PRO A 126 3.97 -44.36 -14.32
C PRO A 126 3.96 -45.40 -15.46
N THR A 127 5.08 -45.60 -16.13
CA THR A 127 5.25 -46.64 -17.13
C THR A 127 5.27 -48.05 -16.51
N GLY A 128 5.48 -48.11 -15.19
CA GLY A 128 5.59 -49.39 -14.46
C GLY A 128 7.00 -49.92 -14.44
N ASP A 129 7.89 -49.24 -15.18
CA ASP A 129 9.24 -49.71 -15.37
C ASP A 129 10.09 -49.19 -14.22
N GLY A 130 9.93 -49.78 -13.05
CA GLY A 130 10.77 -49.41 -11.91
C GLY A 130 10.28 -48.28 -11.03
N TRP A 131 11.13 -47.92 -10.07
CA TRP A 131 10.81 -46.96 -9.07
C TRP A 131 11.21 -45.61 -9.58
N LEU A 132 10.43 -44.61 -9.18
CA LEU A 132 10.73 -43.21 -9.42
C LEU A 132 11.20 -42.64 -8.08
N GLN A 133 12.50 -42.37 -8.02
CA GLN A 133 13.12 -41.80 -6.83
C GLN A 133 13.00 -40.30 -6.81
N ASP A 134 13.03 -39.68 -7.98
CA ASP A 134 12.91 -38.24 -8.09
C ASP A 134 11.48 -37.88 -8.54
N VAL A 135 10.69 -37.50 -7.55
CA VAL A 135 9.28 -37.22 -7.73
C VAL A 135 9.07 -35.74 -8.04
N HIS A 136 8.06 -35.47 -8.87
CA HIS A 136 7.62 -34.10 -9.22
C HIS A 136 6.14 -33.90 -8.93
N VAL A 137 5.84 -32.74 -8.32
CA VAL A 137 4.47 -32.37 -7.98
C VAL A 137 4.23 -30.93 -8.40
N TYR A 138 2.97 -30.62 -8.64
CA TYR A 138 2.57 -29.45 -9.41
C TYR A 138 1.36 -28.73 -8.76
N PRO A 139 1.49 -28.32 -7.50
CA PRO A 139 0.42 -27.58 -6.82
C PRO A 139 0.10 -26.26 -7.56
N LYS A 140 -1.19 -25.91 -7.64
CA LYS A 140 -1.66 -24.69 -8.28
C LYS A 140 -1.94 -23.62 -7.23
N HIS A 141 -1.60 -22.39 -7.56
CA HIS A 141 -1.98 -21.23 -6.77
C HIS A 141 -2.54 -20.20 -7.72
N GLN A 142 -3.18 -19.17 -7.15
CA GLN A 142 -3.74 -18.10 -7.97
C GLN A 142 -3.13 -16.79 -7.56
N ALA A 143 -2.85 -15.98 -8.56
CA ALA A 143 -2.25 -14.69 -8.35
C ALA A 143 -3.27 -13.68 -7.80
N LEU A 144 -2.72 -12.71 -7.08
CA LEU A 144 -3.41 -11.52 -6.64
C LEU A 144 -2.96 -10.36 -7.52
N SER A 145 -3.93 -9.61 -8.02
CA SER A 145 -3.63 -8.44 -8.83
C SER A 145 -3.21 -7.30 -7.94
N GLU A 146 -2.37 -6.41 -8.46
CA GLU A 146 -1.93 -5.26 -7.68
C GLU A 146 -3.10 -4.30 -7.46
N PRO A 147 -3.46 -4.04 -6.18
CA PRO A 147 -4.54 -3.06 -5.95
C PRO A 147 -4.18 -1.70 -6.48
N VAL A 148 -5.20 -0.93 -6.83
CA VAL A 148 -5.00 0.39 -7.40
C VAL A 148 -5.37 1.40 -6.31
N LYS A 149 -4.35 2.10 -5.84
CA LYS A 149 -4.50 3.15 -4.87
C LYS A 149 -4.48 4.51 -5.55
N THR A 150 -5.45 5.34 -5.23
CA THR A 150 -5.49 6.72 -5.64
C THR A 150 -5.75 7.65 -4.47
N ALA A 151 -5.51 8.93 -4.71
CA ALA A 151 -5.80 10.01 -3.75
C ALA A 151 -6.84 10.91 -4.37
N VAL A 152 -7.73 11.41 -3.51
CA VAL A 152 -8.84 12.26 -3.88
C VAL A 152 -8.82 13.45 -2.90
N ASP A 153 -9.14 14.65 -3.39
CA ASP A 153 -9.34 15.80 -2.51
C ASP A 153 -10.80 15.70 -2.00
N PRO A 154 -10.98 15.47 -0.69
CA PRO A 154 -12.35 15.28 -0.19
C PRO A 154 -13.14 16.55 0.03
N ASP A 155 -12.47 17.69 -0.07
CA ASP A 155 -13.10 18.98 0.13
C ASP A 155 -12.49 19.96 -0.88
N ALA A 156 -13.36 20.47 -1.75
CA ALA A 156 -12.99 21.36 -2.85
C ALA A 156 -12.88 22.83 -2.45
N THR A 157 -13.14 23.18 -1.20
CA THR A 157 -13.06 24.57 -0.77
C THR A 157 -11.69 25.14 -1.07
N GLN A 158 -10.66 24.36 -0.83
CA GLN A 158 -9.31 24.73 -1.27
C GLN A 158 -8.72 23.59 -2.10
N PRO A 159 -8.12 23.91 -3.24
CA PRO A 159 -7.56 22.79 -4.01
C PRO A 159 -6.55 21.96 -3.25
N GLY A 160 -6.58 20.65 -3.50
CA GLY A 160 -5.62 19.77 -2.91
C GLY A 160 -5.82 19.50 -1.45
N PHE A 161 -4.76 18.97 -0.83
CA PHE A 161 -4.76 18.63 0.58
C PHE A 161 -3.45 19.10 1.18
N SER A 162 -3.28 20.41 1.18
CA SER A 162 -2.15 21.02 1.86
C SER A 162 -2.26 20.72 3.38
N VAL A 163 -1.17 20.88 4.08
CA VAL A 163 -1.15 20.69 5.53
C VAL A 163 -2.30 21.51 6.13
N GLY A 164 -3.11 20.86 6.93
CA GLY A 164 -4.21 21.50 7.61
C GLY A 164 -5.54 21.07 7.04
N GLU A 165 -5.50 20.35 5.93
CA GLU A 165 -6.69 19.75 5.33
C GLU A 165 -6.58 18.21 5.36
N ASN A 166 -7.66 17.57 4.94
CA ASN A 166 -7.68 16.14 4.82
C ASN A 166 -7.43 15.63 3.41
N VAL A 167 -6.74 14.50 3.35
CA VAL A 167 -6.58 13.72 2.15
C VAL A 167 -7.57 12.58 2.22
N LYS A 168 -7.94 12.08 1.06
CA LYS A 168 -8.74 10.87 0.96
C LYS A 168 -7.99 9.90 0.05
N TYR A 169 -7.95 8.63 0.46
CA TYR A 169 -7.41 7.57 -0.36
C TYR A 169 -8.45 6.55 -0.69
N ARG A 170 -8.27 5.94 -1.84
CA ARG A 170 -9.16 4.91 -2.38
C ARG A 170 -8.26 3.77 -2.83
N VAL A 171 -8.54 2.58 -2.31
CA VAL A 171 -7.80 1.38 -2.61
C VAL A 171 -8.75 0.34 -3.21
N ALA A 172 -8.57 0.04 -4.48
CA ALA A 172 -9.43 -0.89 -5.20
C ALA A 172 -8.70 -2.23 -5.43
N THR A 173 -9.21 -3.29 -4.83
CA THR A 173 -8.59 -4.62 -4.88
C THR A 173 -9.48 -5.57 -5.59
N LYS A 174 -8.93 -6.26 -6.56
CA LYS A 174 -9.67 -7.24 -7.32
C LYS A 174 -9.73 -8.55 -6.55
N ILE A 175 -10.92 -9.16 -6.53
CA ILE A 175 -11.05 -10.49 -5.95
C ILE A 175 -10.65 -11.50 -7.01
N PRO A 176 -9.58 -12.29 -6.76
CA PRO A 176 -9.22 -13.28 -7.77
C PRO A 176 -10.20 -14.43 -7.84
N GLU A 177 -10.28 -15.09 -9.00
CA GLU A 177 -10.93 -16.38 -9.08
C GLU A 177 -10.00 -17.43 -8.47
N ILE A 178 -10.53 -18.20 -7.53
CA ILE A 178 -9.76 -19.24 -6.85
C ILE A 178 -10.27 -20.65 -7.25
N ALA A 179 -9.44 -21.63 -6.95
CA ALA A 179 -9.71 -23.02 -7.26
C ALA A 179 -11.13 -23.41 -6.84
N SER A 180 -11.86 -24.09 -7.74
CA SER A 180 -13.24 -24.53 -7.47
CA SER A 180 -13.24 -24.47 -7.46
C SER A 180 -13.37 -25.23 -6.14
N ASN A 181 -14.45 -24.94 -5.42
CA ASN A 181 -14.74 -25.53 -4.12
C ASN A 181 -13.70 -25.32 -3.00
N THR A 182 -12.74 -24.41 -3.22
CA THR A 182 -11.89 -23.89 -2.13
C THR A 182 -12.41 -22.56 -1.63
N LYS A 183 -11.95 -22.16 -0.46
CA LYS A 183 -12.37 -20.89 0.13
C LYS A 183 -11.16 -20.04 0.43
N PHE A 184 -11.38 -18.73 0.46
CA PHE A 184 -10.37 -17.83 0.90
C PHE A 184 -10.06 -18.14 2.37
N GLU A 185 -8.78 -18.07 2.73
CA GLU A 185 -8.37 -18.25 4.13
C GLU A 185 -8.73 -17.01 4.93
N GLY A 186 -8.78 -15.88 4.24
CA GLY A 186 -9.04 -14.60 4.87
C GLY A 186 -8.79 -13.56 3.82
N PHE A 187 -8.98 -12.29 4.15
CA PHE A 187 -8.81 -11.25 3.16
C PHE A 187 -8.62 -9.95 3.90
N THR A 188 -7.38 -9.49 3.93
CA THR A 188 -7.05 -8.29 4.68
C THR A 188 -6.49 -7.22 3.73
N VAL A 189 -6.95 -6.00 3.85
CA VAL A 189 -6.36 -4.86 3.13
C VAL A 189 -5.81 -3.96 4.23
N ALA A 190 -4.48 -3.72 4.22
CA ALA A 190 -3.83 -2.90 5.23
C ALA A 190 -3.07 -1.79 4.59
N ASP A 191 -3.03 -0.67 5.32
CA ASP A 191 -2.37 0.53 4.78
C ASP A 191 -1.64 1.18 5.90
N LYS A 192 -0.32 1.25 5.80
CA LYS A 192 0.49 1.92 6.82
C LYS A 192 0.63 3.33 6.32
N LEU A 193 -0.19 4.21 6.88
CA LEU A 193 -0.25 5.57 6.43
C LEU A 193 1.13 6.21 6.56
N PRO A 194 1.45 7.14 5.64
CA PRO A 194 2.67 7.90 5.89
C PRO A 194 2.63 8.68 7.21
N ALA A 195 3.79 8.95 7.79
CA ALA A 195 3.85 9.60 9.09
C ALA A 195 3.28 10.98 9.16
N GLU A 196 3.15 11.67 8.03
CA GLU A 196 2.64 13.01 8.02
C GLU A 196 1.11 13.06 8.18
N LEU A 197 0.47 11.90 8.18
CA LEU A 197 -0.99 11.84 8.37
C LEU A 197 -1.36 11.47 9.77
N GLY A 198 -2.42 12.10 10.23
CA GLY A 198 -3.04 11.74 11.50
C GLY A 198 -3.91 10.50 11.34
N LYS A 199 -4.64 10.14 12.39
CA LYS A 199 -5.44 8.95 12.32
C LYS A 199 -6.66 9.19 11.42
N PRO A 200 -7.09 8.14 10.72
CA PRO A 200 -8.25 8.20 9.83
C PRO A 200 -9.50 8.49 10.59
N ASP A 201 -10.38 9.30 10.02
CA ASP A 201 -11.67 9.55 10.66
C ASP A 201 -12.52 8.28 10.58
N THR A 202 -12.85 7.67 11.72
CA THR A 202 -13.53 6.37 11.63
CA THR A 202 -13.61 6.42 11.80
C THR A 202 -14.91 6.48 10.98
N ASN A 203 -15.53 7.65 10.96
CA ASN A 203 -16.84 7.77 10.28
C ASN A 203 -16.72 7.93 8.77
N LYS A 204 -15.48 8.03 8.29
CA LYS A 204 -15.21 8.17 6.86
C LYS A 204 -14.49 7.00 6.24
N ILE A 205 -14.37 5.88 6.97
CA ILE A 205 -13.81 4.65 6.40
C ILE A 205 -14.95 3.86 5.82
N THR A 206 -14.85 3.56 4.52
CA THR A 206 -15.89 2.82 3.87
C THR A 206 -15.32 1.62 3.14
N VAL A 207 -16.16 0.60 3.06
CA VAL A 207 -15.78 -0.65 2.44
C VAL A 207 -16.97 -1.10 1.62
N THR A 208 -16.68 -1.36 0.35
CA THR A 208 -17.68 -1.89 -0.56
C THR A 208 -17.11 -3.10 -1.33
N LEU A 209 -17.97 -4.04 -1.65
CA LEU A 209 -17.64 -5.19 -2.49
C LEU A 209 -18.60 -5.19 -3.67
N GLY A 210 -18.09 -5.05 -4.88
CA GLY A 210 -18.98 -5.06 -6.05
C GLY A 210 -19.91 -3.86 -6.01
N GLY A 211 -19.41 -2.76 -5.44
CA GLY A 211 -20.14 -1.55 -5.22
C GLY A 211 -21.25 -1.65 -4.17
N LYS A 212 -21.30 -2.76 -3.44
CA LYS A 212 -22.29 -2.93 -2.38
C LYS A 212 -21.64 -2.83 -0.99
N PRO A 213 -22.38 -2.27 -0.02
CA PRO A 213 -21.86 -2.26 1.34
C PRO A 213 -21.80 -3.71 1.86
N ILE A 214 -20.89 -3.97 2.81
CA ILE A 214 -20.70 -5.32 3.34
C ILE A 214 -21.33 -5.46 4.74
N ASN A 215 -21.77 -6.66 5.09
CA ASN A 215 -22.26 -6.95 6.46
C ASN A 215 -21.20 -6.46 7.42
N SER A 216 -21.48 -5.40 8.18
CA SER A 216 -20.42 -4.82 9.00
C SER A 216 -19.93 -5.84 10.05
N THR A 217 -20.77 -6.80 10.45
CA THR A 217 -20.32 -7.85 11.38
C THR A 217 -19.18 -8.72 10.81
N ASP A 218 -19.10 -8.80 9.48
CA ASP A 218 -18.10 -9.61 8.81
C ASP A 218 -16.86 -8.80 8.50
N VAL A 219 -16.96 -7.48 8.59
CA VAL A 219 -15.84 -6.59 8.24
C VAL A 219 -15.31 -5.96 9.51
N SER A 220 -14.05 -6.20 9.80
CA SER A 220 -13.34 -5.66 10.96
C SER A 220 -12.42 -4.53 10.51
N VAL A 221 -12.75 -3.31 10.91
CA VAL A 221 -11.96 -2.14 10.57
C VAL A 221 -11.19 -1.78 11.83
N GLN A 222 -9.85 -1.78 11.75
CA GLN A 222 -9.02 -1.51 12.92
CA GLN A 222 -9.00 -1.57 12.91
C GLN A 222 -7.90 -0.56 12.53
N THR A 223 -7.44 0.22 13.49
CA THR A 223 -6.18 0.97 13.35
C THR A 223 -5.25 0.57 14.50
N TYR A 224 -3.95 0.57 14.22
CA TYR A 224 -2.96 0.39 15.24
C TYR A 224 -1.70 1.16 14.85
N GLN A 225 -0.95 1.57 15.87
CA GLN A 225 0.25 2.34 15.68
C GLN A 225 1.40 1.39 15.53
N VAL A 226 2.24 1.62 14.52
CA VAL A 226 3.52 0.96 14.40
C VAL A 226 4.53 2.10 14.31
N GLY A 227 5.30 2.28 15.37
CA GLY A 227 6.11 3.48 15.52
C GLY A 227 5.28 4.75 15.36
N ASP A 228 5.72 5.64 14.48
CA ASP A 228 5.05 6.93 14.32
C ASP A 228 4.05 6.92 13.18
N ARG A 229 3.67 5.72 12.75
CA ARG A 229 2.68 5.59 11.69
C ARG A 229 1.48 4.74 12.09
N THR A 230 0.31 5.16 11.63
CA THR A 230 -0.94 4.41 11.79
C THR A 230 -1.14 3.43 10.64
N VAL A 231 -1.40 2.18 10.98
CA VAL A 231 -1.87 1.20 10.05
C VAL A 231 -3.40 1.09 10.18
N LEU A 232 -4.07 1.20 9.04
CA LEU A 232 -5.50 0.94 8.91
C LEU A 232 -5.63 -0.43 8.31
N SER A 233 -6.52 -1.25 8.87
CA SER A 233 -6.68 -2.63 8.43
C SER A 233 -8.15 -2.94 8.31
N VAL A 234 -8.49 -3.55 7.18
CA VAL A 234 -9.86 -4.00 6.88
C VAL A 234 -9.78 -5.49 6.60
N GLN A 235 -10.58 -6.26 7.33
CA GLN A 235 -10.47 -7.68 7.26
C GLN A 235 -11.85 -8.25 7.05
N LEU A 236 -11.97 -9.16 6.11
CA LEU A 236 -13.23 -9.85 5.87
C LEU A 236 -13.24 -11.21 6.53
N ALA A 237 -14.35 -11.53 7.17
CA ALA A 237 -14.52 -12.81 7.85
C ALA A 237 -15.97 -13.27 7.73
N GLY A 238 -16.33 -14.35 8.41
CA GLY A 238 -17.73 -14.76 8.50
C GLY A 238 -18.35 -15.08 7.15
N ALA A 239 -19.64 -14.77 6.99
CA ALA A 239 -20.41 -15.13 5.77
C ALA A 239 -19.73 -14.52 4.54
N THR A 240 -19.35 -13.26 4.69
CA THR A 240 -18.69 -12.51 3.62
C THR A 240 -17.42 -13.16 3.11
N LEU A 241 -16.56 -13.64 4.02
CA LEU A 241 -15.34 -14.32 3.59
C LEU A 241 -15.67 -15.64 2.93
N GLN A 242 -16.64 -16.35 3.52
CA GLN A 242 -17.08 -17.67 3.02
CA GLN A 242 -17.01 -17.67 3.01
C GLN A 242 -17.65 -17.60 1.61
N SER A 243 -18.32 -16.48 1.29
CA SER A 243 -18.90 -16.32 -0.04
C SER A 243 -18.07 -15.47 -0.99
N LEU A 244 -16.87 -15.08 -0.57
CA LEU A 244 -16.03 -14.19 -1.37
C LEU A 244 -15.61 -14.84 -2.68
N ASP A 245 -15.47 -16.16 -2.68
CA ASP A 245 -15.24 -16.90 -3.91
C ASP A 245 -16.35 -16.77 -4.95
N GLN A 246 -17.50 -16.22 -4.57
CA GLN A 246 -18.57 -15.95 -5.54
C GLN A 246 -18.51 -14.53 -6.12
N HIS A 247 -17.51 -13.75 -5.72
CA HIS A 247 -17.39 -12.37 -6.17
C HIS A 247 -16.13 -12.24 -7.00
N LYS A 248 -15.81 -13.29 -7.73
CA LYS A 248 -14.59 -13.24 -8.55
C LYS A 248 -14.65 -12.06 -9.48
N ASP A 249 -13.51 -11.38 -9.61
CA ASP A 249 -13.30 -10.25 -10.49
C ASP A 249 -14.03 -8.97 -10.11
N GLN A 250 -14.77 -9.00 -8.99
CA GLN A 250 -15.32 -7.76 -8.40
C GLN A 250 -14.24 -7.04 -7.63
N GLU A 251 -14.48 -5.76 -7.30
CA GLU A 251 -13.52 -4.98 -6.53
C GLU A 251 -14.03 -4.80 -5.13
N LEU A 252 -13.13 -5.00 -4.20
CA LEU A 252 -13.27 -4.57 -2.84
C LEU A 252 -12.66 -3.20 -2.76
N VAL A 253 -13.41 -2.16 -2.41
CA VAL A 253 -12.93 -0.79 -2.40
C VAL A 253 -12.97 -0.26 -0.98
N VAL A 254 -11.81 0.14 -0.47
CA VAL A 254 -11.66 0.76 0.82
C VAL A 254 -11.37 2.21 0.55
N GLU A 255 -12.16 3.10 1.17
CA GLU A 255 -11.86 4.52 1.14
C GLU A 255 -11.73 5.06 2.53
N PHE A 256 -10.84 6.02 2.71
CA PHE A 256 -10.72 6.71 3.98
C PHE A 256 -10.13 8.09 3.82
N GLU A 257 -10.39 8.91 4.84
CA GLU A 257 -9.81 10.23 4.93
C GLU A 257 -8.85 10.28 6.15
N ALA A 258 -7.82 11.10 6.02
CA ALA A 258 -6.96 11.40 7.17
C ALA A 258 -6.43 12.82 7.08
N PRO A 259 -6.14 13.41 8.25
CA PRO A 259 -5.61 14.78 8.23
C PRO A 259 -4.14 14.85 7.81
N VAL A 260 -3.84 15.78 6.93
CA VAL A 260 -2.44 16.03 6.58
C VAL A 260 -1.90 16.96 7.66
N THR A 261 -1.00 16.49 8.52
CA THR A 261 -0.65 17.25 9.72
C THR A 261 0.66 17.98 9.61
N LYS A 262 1.51 17.56 8.66
CA LYS A 262 2.80 18.22 8.53
C LYS A 262 3.36 18.00 7.17
N GLN A 263 4.27 18.91 6.81
CA GLN A 263 4.90 18.82 5.52
C GLN A 263 5.92 17.68 5.54
N PRO A 264 5.85 16.80 4.53
CA PRO A 264 6.90 15.80 4.43
C PRO A 264 8.25 16.49 4.23
N GLU A 265 9.22 16.07 4.99
CA GLU A 265 10.57 16.68 4.91
C GLU A 265 11.17 16.61 3.52
N ASN A 266 10.82 15.58 2.75
CA ASN A 266 11.38 15.47 1.40
C ASN A 266 10.33 15.81 0.36
N GLY A 267 9.25 16.45 0.80
CA GLY A 267 8.11 16.78 -0.04
C GLY A 267 7.20 15.66 -0.46
N GLN A 268 7.51 14.41 -0.10
CA GLN A 268 6.81 13.27 -0.64
C GLN A 268 5.82 12.72 0.41
N LEU A 269 4.52 12.89 0.14
CA LEU A 269 3.47 12.27 0.94
C LEU A 269 3.05 11.02 0.13
N ASP A 270 3.58 9.86 0.58
CA ASP A 270 3.55 8.64 -0.23
C ASP A 270 2.74 7.59 0.52
N ASN A 271 1.85 6.93 -0.20
CA ASN A 271 1.03 5.90 0.40
C ASN A 271 0.97 4.70 -0.48
N GLN A 272 0.99 3.53 0.14
CA GLN A 272 0.64 2.27 -0.51
C GLN A 272 -0.25 1.46 0.42
N ALA A 273 -1.07 0.55 -0.14
CA ALA A 273 -1.83 -0.42 0.68
C ALA A 273 -1.38 -1.80 0.23
N TRP A 274 -1.79 -2.80 0.97
CA TRP A 274 -1.40 -4.16 0.66
C TRP A 274 -2.58 -5.07 0.88
N VAL A 275 -2.69 -6.09 0.04
CA VAL A 275 -3.71 -7.15 0.20
C VAL A 275 -3.04 -8.47 0.58
N LEU A 276 -3.61 -9.07 1.62
CA LEU A 276 -3.16 -10.38 2.12
C LEU A 276 -4.33 -11.35 2.15
N PRO A 277 -4.17 -12.53 1.54
CA PRO A 277 -5.25 -13.52 1.51
C PRO A 277 -5.30 -14.37 2.81
N SER A 278 -5.28 -13.70 3.94
CA SER A 278 -5.18 -14.33 5.27
C SER A 278 -5.64 -13.28 6.28
N ASN A 279 -6.13 -13.73 7.45
CA ASN A 279 -6.54 -12.86 8.53
C ASN A 279 -5.62 -13.12 9.74
N PRO A 280 -4.48 -12.40 9.79
CA PRO A 280 -3.54 -12.68 10.85
C PRO A 280 -4.12 -12.39 12.23
N THR A 281 -3.73 -13.21 13.20
CA THR A 281 -4.16 -13.04 14.59
C THR A 281 -3.39 -11.88 15.24
N ALA A 282 -2.18 -11.60 14.78
CA ALA A 282 -1.37 -10.49 15.30
C ALA A 282 -1.57 -9.27 14.42
N GLN A 283 -1.30 -8.09 14.98
CA GLN A 283 -1.50 -6.88 14.21
C GLN A 283 -0.40 -6.85 13.15
N TRP A 284 -0.80 -6.95 11.90
CA TRP A 284 0.13 -7.14 10.78
C TRP A 284 0.62 -5.79 10.27
N ASP A 285 1.95 -5.65 10.17
CA ASP A 285 2.56 -4.53 9.52
C ASP A 285 2.89 -4.97 8.09
N PRO A 286 2.14 -4.45 7.09
CA PRO A 286 2.35 -4.87 5.71
C PRO A 286 3.71 -4.45 5.17
N GLU A 287 4.37 -3.52 5.84
CA GLU A 287 5.71 -3.07 5.41
C GLU A 287 6.78 -3.58 6.38
N GLU A 288 6.53 -4.77 6.95
CA GLU A 288 7.51 -5.53 7.72
C GLU A 288 8.35 -6.42 6.78
N SER A 289 9.43 -7.00 7.30
CA SER A 289 10.64 -7.31 6.53
C SER A 289 11.05 -8.79 6.38
N GLY A 290 11.50 -9.41 7.47
CA GLY A 290 12.18 -10.73 7.45
C GLY A 290 11.58 -11.90 6.66
N ASP A 291 12.30 -13.01 6.66
CA ASP A 291 11.90 -14.20 5.88
C ASP A 291 10.54 -14.80 6.28
N ALA A 292 10.14 -14.66 7.54
CA ALA A 292 8.89 -15.26 8.03
C ALA A 292 7.69 -14.31 7.82
N ALA A 293 7.93 -13.12 7.31
CA ALA A 293 6.92 -12.13 7.25
C ALA A 293 5.83 -12.64 6.29
N LEU A 294 4.56 -12.58 6.71
CA LEU A 294 3.44 -12.74 5.80
C LEU A 294 3.54 -11.67 4.70
N ARG A 295 3.63 -12.12 3.46
CA ARG A 295 3.89 -11.22 2.33
C ARG A 295 2.55 -10.78 1.75
N GLY A 296 2.28 -9.48 1.83
CA GLY A 296 1.12 -8.93 1.14
C GLY A 296 1.43 -8.61 -0.32
N MET A 297 0.39 -8.34 -1.09
CA MET A 297 0.57 -7.83 -2.43
C MET A 297 0.44 -6.30 -2.37
N PRO A 298 1.50 -5.57 -2.66
CA PRO A 298 1.41 -4.10 -2.59
C PRO A 298 0.59 -3.51 -3.71
N SER A 299 -0.12 -2.44 -3.34
CA SER A 299 -0.86 -1.62 -4.27
C SER A 299 0.08 -0.81 -5.18
N SER A 300 -0.49 -0.20 -6.22
CA SER A 300 0.18 0.90 -6.91
C SER A 300 0.50 2.05 -5.94
N ARG A 301 1.56 2.79 -6.24
CA ARG A 301 1.98 3.84 -5.35
C ARG A 301 1.24 5.12 -5.62
N VAL A 302 1.02 5.89 -4.55
CA VAL A 302 0.52 7.24 -4.65
C VAL A 302 1.58 8.13 -4.03
N SER A 303 1.97 9.18 -4.78
CA SER A 303 2.92 10.14 -4.23
C SER A 303 2.45 11.56 -4.47
N SER A 304 2.11 12.24 -3.39
CA SER A 304 1.66 13.63 -3.46
C SER A 304 2.82 14.55 -3.16
N LYS A 305 3.00 15.57 -3.98
CA LYS A 305 4.20 16.38 -3.97
C LYS A 305 3.93 17.70 -3.26
N PHE A 306 4.86 18.10 -2.40
CA PHE A 306 4.68 19.27 -1.58
C PHE A 306 5.76 20.27 -1.86
N GLY A 307 5.43 21.53 -1.56
CA GLY A 307 6.39 22.62 -1.74
C GLY A 307 6.31 23.63 -0.63
N GLN A 308 7.29 24.50 -0.61
CA GLN A 308 7.47 25.46 0.47
C GLN A 308 8.06 26.75 -0.11
N ILE A 309 7.48 27.87 0.28
CA ILE A 309 7.90 29.21 -0.18
C ILE A 309 8.55 29.88 1.00
N THR A 310 9.74 30.41 0.80
CA THR A 310 10.41 31.22 1.85
C THR A 310 10.53 32.67 1.40
N ILE A 311 9.96 33.58 2.17
CA ILE A 311 10.02 35.01 1.88
C ILE A 311 11.22 35.52 2.65
N GLU A 312 12.10 36.28 1.98
CA GLU A 312 13.23 36.97 2.62
C GLU A 312 12.99 38.45 2.42
N LYS A 313 12.49 39.10 3.49
CA LYS A 313 12.04 40.49 3.42
C LYS A 313 13.12 41.43 3.90
N SER A 314 13.28 42.55 3.19
CA SER A 314 14.18 43.59 3.63
C SER A 314 13.40 44.91 3.55
N PHE A 315 13.91 45.90 4.25
CA PHE A 315 13.36 47.26 4.24
C PHE A 315 14.49 48.22 3.86
N ASP A 316 14.30 48.84 2.70
CA ASP A 316 15.36 49.58 2.02
C ASP A 316 16.71 48.90 2.18
N GLY A 317 16.75 47.61 1.88
CA GLY A 317 18.01 46.88 1.83
C GLY A 317 18.48 46.33 3.16
N ASN A 318 17.77 46.65 4.25
CA ASN A 318 18.21 46.21 5.57
C ASN A 318 17.35 45.11 6.14
N THR A 319 17.98 44.30 7.00
CA THR A 319 17.28 43.36 7.84
C THR A 319 16.16 44.08 8.56
N PRO A 320 14.97 43.48 8.63
CA PRO A 320 13.88 44.31 9.16
C PRO A 320 14.05 44.71 10.60
N GLY A 321 14.49 43.78 11.44
CA GLY A 321 14.64 44.04 12.85
C GLY A 321 13.32 44.17 13.58
N ALA A 322 13.42 44.78 14.76
CA ALA A 322 12.36 44.75 15.74
C ALA A 322 11.15 45.62 15.42
N ASP A 323 11.31 46.69 14.65
CA ASP A 323 10.15 47.56 14.42
C ASP A 323 9.59 47.57 13.00
N ARG A 324 9.87 46.52 12.21
CA ARG A 324 9.41 46.46 10.82
C ARG A 324 8.97 45.06 10.47
N THR A 325 7.70 44.94 10.08
CA THR A 325 7.21 43.67 9.59
CA THR A 325 7.10 43.66 9.68
C THR A 325 6.20 43.88 8.46
N ALA A 326 6.09 42.88 7.60
CA ALA A 326 5.12 42.89 6.54
C ALA A 326 4.31 41.60 6.62
N THR A 327 3.12 41.64 6.04
CA THR A 327 2.19 40.53 6.04
C THR A 327 1.82 40.22 4.58
N PHE A 328 1.79 38.91 4.26
CA PHE A 328 1.46 38.41 2.94
C PHE A 328 0.39 37.36 3.03
N GLN A 329 -0.41 37.32 1.98
CA GLN A 329 -1.28 36.20 1.73
C GLN A 329 -0.88 35.52 0.43
N LEU A 330 -1.09 34.21 0.42
CA LEU A 330 -0.79 33.39 -0.76
C LEU A 330 -2.07 33.21 -1.60
N HIS A 331 -1.90 33.36 -2.91
CA HIS A 331 -2.99 33.38 -3.86
C HIS A 331 -2.57 32.64 -5.11
N ARG A 332 -3.52 32.48 -6.02
CA ARG A 332 -3.29 32.01 -7.36
C ARG A 332 -3.53 33.18 -8.32
N CYS A 333 -2.70 33.23 -9.37
CA CYS A 333 -2.81 34.28 -10.38
CA CYS A 333 -2.72 34.29 -10.37
C CYS A 333 -2.87 33.69 -11.77
N GLU A 334 -3.45 34.46 -12.69
CA GLU A 334 -3.50 34.14 -14.10
C GLU A 334 -2.16 34.52 -14.74
N ALA A 335 -2.00 34.11 -16.00
CA ALA A 335 -0.79 34.37 -16.80
C ALA A 335 -0.35 35.83 -16.88
N ASP A 336 -1.29 36.77 -16.83
CA ASP A 336 -0.94 38.20 -16.84
C ASP A 336 -0.51 38.74 -15.46
N GLY A 337 -0.47 37.88 -14.45
CA GLY A 337 -0.04 38.28 -13.11
C GLY A 337 -1.15 38.76 -12.20
N SER A 338 -2.36 38.88 -12.76
CA SER A 338 -3.52 39.28 -11.99
C SER A 338 -4.08 38.11 -11.19
N LEU A 339 -4.71 38.42 -10.08
CA LEU A 339 -5.36 37.39 -9.26
C LEU A 339 -6.47 36.66 -10.04
N VAL A 340 -6.52 35.36 -9.84
CA VAL A 340 -7.63 34.55 -10.30
C VAL A 340 -8.93 35.19 -9.75
N LYS A 341 -9.99 35.19 -10.56
CA LYS A 341 -11.28 35.74 -10.13
C LYS A 341 -11.73 35.11 -8.81
N SER A 342 -12.13 35.96 -7.86
CA SER A 342 -12.63 35.50 -6.55
C SER A 342 -11.66 34.63 -5.79
N ASP A 343 -10.35 34.80 -6.04
CA ASP A 343 -9.34 33.93 -5.45
C ASP A 343 -9.20 34.16 -3.95
N PRO A 344 -9.41 33.10 -3.15
CA PRO A 344 -9.28 33.24 -1.70
C PRO A 344 -7.84 33.11 -1.25
N PRO A 345 -7.52 33.66 -0.10
CA PRO A 345 -6.20 33.40 0.46
C PRO A 345 -6.06 31.90 0.69
N ILE A 346 -4.86 31.42 0.48
CA ILE A 346 -4.56 30.01 0.68
C ILE A 346 -4.24 29.80 2.13
N SER A 347 -4.85 28.76 2.71
CA SER A 347 -4.62 28.41 4.10
C SER A 347 -3.59 27.28 4.21
N LEU A 348 -2.64 27.44 5.11
CA LEU A 348 -1.62 26.41 5.38
C LEU A 348 -1.54 26.21 6.88
N ASP A 349 -1.80 24.98 7.30
CA ASP A 349 -1.89 24.62 8.70
C ASP A 349 -2.74 25.61 9.50
N GLY A 350 -3.92 25.96 8.96
CA GLY A 350 -4.86 26.88 9.60
C GLY A 350 -4.43 28.34 9.65
N LYS A 351 -3.39 28.71 8.89
CA LYS A 351 -3.02 30.11 8.83
C LYS A 351 -3.31 30.60 7.44
N GLN A 352 -3.83 31.82 7.32
CA GLN A 352 -4.21 32.41 6.06
CA GLN A 352 -4.10 32.36 5.98
C GLN A 352 -3.43 33.69 5.73
N GLU A 353 -2.52 34.05 6.62
CA GLU A 353 -1.56 35.15 6.35
C GLU A 353 -0.24 34.84 7.03
N PHE A 354 0.80 35.48 6.56
CA PHE A 354 2.15 35.15 6.94
C PHE A 354 2.91 36.44 7.19
N VAL A 355 3.42 36.56 8.40
CA VAL A 355 4.12 37.75 8.86
C VAL A 355 5.61 37.52 8.93
N THR A 356 6.32 38.46 8.36
CA THR A 356 7.78 38.38 8.39
C THR A 356 8.32 38.62 9.77
N GLY A 357 9.38 37.89 10.10
CA GLY A 357 10.03 38.01 11.37
C GLY A 357 11.13 39.05 11.39
N GLN A 358 11.77 39.25 12.53
CA GLN A 358 12.82 40.24 12.61
C GLN A 358 13.94 39.98 11.62
N ASP A 359 14.19 38.72 11.31
CA ASP A 359 15.23 38.35 10.34
C ASP A 359 14.74 38.45 8.90
N GLY A 360 13.52 38.91 8.72
CA GLY A 360 12.93 39.00 7.40
C GLY A 360 12.28 37.75 6.85
N LYS A 361 12.35 36.63 7.54
CA LYS A 361 11.82 35.40 6.99
C LYS A 361 10.36 35.18 7.28
N ALA A 362 9.66 34.63 6.29
CA ALA A 362 8.37 34.03 6.46
C ALA A 362 8.35 32.75 5.63
N VAL A 363 8.00 31.66 6.26
CA VAL A 363 7.98 30.34 5.62
C VAL A 363 6.54 29.87 5.43
N LEU A 364 6.16 29.57 4.18
CA LEU A 364 4.84 29.06 3.81
C LEU A 364 5.08 27.59 3.43
N SER A 365 4.86 26.71 4.38
CA SER A 365 5.18 25.29 4.24
CA SER A 365 5.18 25.30 4.20
C SER A 365 3.94 24.46 4.01
N GLY A 366 4.14 23.26 3.47
CA GLY A 366 3.07 22.31 3.34
C GLY A 366 2.03 22.53 2.28
N ILE A 367 2.47 23.15 1.19
CA ILE A 367 1.68 23.39 0.05
C ILE A 367 1.63 22.11 -0.78
N HIS A 368 0.45 21.51 -0.87
CA HIS A 368 0.27 20.32 -1.72
C HIS A 368 0.13 20.77 -3.15
N LEU A 369 1.06 20.36 -4.00
CA LEU A 369 1.09 20.79 -5.37
C LEU A 369 0.34 19.91 -6.35
N GLY A 370 0.38 18.60 -6.09
CA GLY A 370 -0.22 17.64 -6.99
C GLY A 370 0.14 16.23 -6.60
N THR A 371 -0.32 15.26 -7.41
CA THR A 371 -0.23 13.85 -7.05
C THR A 371 0.09 13.00 -8.28
N LEU A 372 0.99 12.06 -8.07
CA LEU A 372 1.39 11.04 -9.05
C LEU A 372 0.72 9.74 -8.58
N GLN A 373 -0.11 9.20 -9.46
CA GLN A 373 -0.83 7.97 -9.19
CA GLN A 373 -0.78 7.94 -9.20
C GLN A 373 -1.16 7.26 -10.50
N LEU A 374 -1.60 6.02 -10.39
CA LEU A 374 -1.94 5.22 -11.53
C LEU A 374 -3.28 5.62 -12.12
N GLU A 375 -3.32 5.79 -13.44
CA GLU A 375 -4.56 6.04 -14.14
C GLU A 375 -4.47 5.22 -15.41
N SER A 376 -5.44 4.32 -15.60
CA SER A 376 -5.40 3.35 -16.70
C SER A 376 -4.04 2.66 -16.79
N ASN A 377 -3.57 2.16 -15.66
CA ASN A 377 -2.30 1.45 -15.54
C ASN A 377 -1.05 2.24 -15.96
N VAL A 378 -1.19 3.55 -16.08
CA VAL A 378 -0.05 4.44 -16.31
C VAL A 378 0.02 5.48 -15.19
N MET A 379 1.23 5.65 -14.67
CA MET A 379 1.46 6.68 -13.67
C MET A 379 1.33 8.07 -14.32
N LYS A 380 0.46 8.88 -13.72
CA LYS A 380 0.14 10.20 -14.21
CA LYS A 380 0.16 10.21 -14.19
C LYS A 380 0.19 11.20 -13.05
N TYR A 381 0.78 12.36 -13.32
CA TYR A 381 0.79 13.46 -12.36
C TYR A 381 -0.35 14.41 -12.69
N THR A 382 -1.11 14.75 -11.65
CA THR A 382 -2.11 15.78 -11.72
C THR A 382 -1.80 16.92 -10.78
N ASP A 383 -1.83 18.11 -11.33
CA ASP A 383 -1.67 19.38 -10.60
C ASP A 383 -2.95 19.71 -9.86
N ALA A 384 -2.85 19.75 -8.54
CA ALA A 384 -4.01 19.96 -7.67
C ALA A 384 -4.64 21.34 -7.93
N TRP A 385 -3.84 22.24 -8.49
CA TRP A 385 -4.26 23.63 -8.73
C TRP A 385 -4.63 23.89 -10.19
N ALA A 386 -4.67 22.84 -10.99
CA ALA A 386 -5.08 22.95 -12.38
C ALA A 386 -6.38 23.69 -12.44
N GLY A 387 -6.50 24.57 -13.40
CA GLY A 387 -7.75 25.35 -13.48
C GLY A 387 -7.94 26.50 -12.49
N LYS A 388 -6.99 26.75 -11.59
CA LYS A 388 -7.01 27.98 -10.80
C LYS A 388 -5.77 28.77 -11.15
N GLY A 389 -5.86 29.53 -12.21
CA GLY A 389 -4.72 30.28 -12.68
C GLY A 389 -3.57 29.40 -13.11
N THR A 390 -2.41 30.02 -13.20
CA THR A 390 -1.23 29.35 -13.69
C THR A 390 -0.08 29.34 -12.70
N GLU A 391 -0.10 30.22 -11.71
CA GLU A 391 0.98 30.25 -10.72
C GLU A 391 0.45 30.69 -9.38
N PHE A 392 1.25 30.43 -8.35
CA PHE A 392 1.07 31.07 -7.08
C PHE A 392 1.57 32.51 -7.11
N CYS A 393 1.01 33.30 -6.22
CA CYS A 393 1.51 34.66 -6.05
C CYS A 393 1.26 35.15 -4.65
N LEU A 394 2.06 36.12 -4.23
CA LEU A 394 1.92 36.67 -2.90
C LEU A 394 1.37 38.09 -2.99
N VAL A 395 0.44 38.39 -2.10
CA VAL A 395 -0.07 39.76 -1.99
C VAL A 395 0.34 40.29 -0.63
N GLU A 396 1.01 41.45 -0.66
CA GLU A 396 1.40 42.12 0.57
C GLU A 396 0.22 42.90 1.11
N THR A 397 -0.28 42.50 2.28
CA THR A 397 -1.47 43.14 2.87
C THR A 397 -1.14 44.19 3.94
N ALA A 398 0.08 44.16 4.46
CA ALA A 398 0.54 45.15 5.42
C ALA A 398 2.04 45.26 5.32
N THR A 399 2.54 46.44 5.68
CA THR A 399 3.96 46.67 5.72
C THR A 399 4.32 47.56 6.91
N ALA A 400 5.55 48.04 6.95
CA ALA A 400 6.03 48.80 8.08
C ALA A 400 5.60 50.25 7.96
N SER A 401 5.65 50.99 9.09
CA SER A 401 5.36 52.44 9.12
C SER A 401 6.17 53.18 8.07
N GLY A 402 5.48 53.94 7.21
CA GLY A 402 6.17 54.80 6.26
C GLY A 402 6.70 54.15 4.99
N TYR A 403 6.38 52.85 4.81
CA TYR A 403 6.71 52.10 3.62
C TYR A 403 5.48 52.01 2.71
N GLU A 404 5.74 51.78 1.42
CA GLU A 404 4.69 51.64 0.39
C GLU A 404 4.39 50.16 0.17
N LEU A 405 3.10 49.82 0.18
CA LEU A 405 2.71 48.47 -0.15
C LEU A 405 3.03 48.13 -1.61
N LEU A 406 3.46 46.89 -1.85
CA LEU A 406 3.52 46.36 -3.20
C LEU A 406 2.16 46.34 -3.93
N PRO A 407 2.03 47.08 -5.03
CA PRO A 407 0.72 47.18 -5.73
C PRO A 407 0.23 45.93 -6.49
N LYS A 408 1.15 45.06 -6.87
CA LYS A 408 0.80 43.90 -7.69
C LYS A 408 1.20 42.64 -6.93
N PRO A 409 0.51 41.54 -7.24
CA PRO A 409 0.96 40.24 -6.71
C PRO A 409 2.38 39.93 -7.17
N VAL A 410 3.16 39.26 -6.31
CA VAL A 410 4.51 38.82 -6.64
C VAL A 410 4.41 37.36 -7.07
N ILE A 411 4.69 37.08 -8.35
CA ILE A 411 4.55 35.73 -8.89
C ILE A 411 5.61 34.87 -8.21
N VAL A 412 5.19 33.71 -7.73
CA VAL A 412 6.11 32.74 -7.16
C VAL A 412 5.91 31.43 -7.91
N LYS A 413 6.95 31.00 -8.63
CA LYS A 413 6.95 29.75 -9.39
CA LYS A 413 6.86 29.75 -9.37
C LYS A 413 7.16 28.59 -8.43
N LEU A 414 6.12 27.78 -8.24
CA LEU A 414 6.17 26.64 -7.36
C LEU A 414 5.28 25.57 -7.93
N GLU A 415 5.90 24.52 -8.48
CA GLU A 415 5.13 23.47 -9.12
C GLU A 415 5.92 22.17 -9.07
N ALA A 416 5.23 21.07 -9.26
CA ALA A 416 5.85 19.76 -9.27
C ALA A 416 5.43 19.05 -10.52
N ASN A 417 6.01 17.89 -10.73
CA ASN A 417 5.65 17.07 -11.88
C ASN A 417 5.93 15.61 -11.53
N GLU A 418 5.75 14.71 -12.52
CA GLU A 418 5.93 13.29 -12.26
C GLU A 418 7.31 12.90 -11.77
N SER A 419 8.32 13.67 -12.12
CA SER A 419 9.69 13.39 -11.65
C SER A 419 10.04 13.94 -10.28
N THR A 420 9.21 14.82 -9.72
CA THR A 420 9.54 15.50 -8.46
C THR A 420 9.76 14.47 -7.38
N ASN A 421 10.92 14.49 -6.74
CA ASN A 421 11.15 13.56 -5.63
C ASN A 421 11.88 14.17 -4.44
N VAL A 422 11.96 15.49 -4.42
CA VAL A 422 12.40 16.26 -3.26
C VAL A 422 11.42 17.42 -3.04
N LEU A 423 11.53 18.08 -1.89
CA LEU A 423 10.68 19.20 -1.57
C LEU A 423 10.87 20.32 -2.59
N VAL A 424 9.78 20.83 -3.13
CA VAL A 424 9.88 21.92 -4.08
C VAL A 424 9.96 23.22 -3.29
N GLU A 425 10.95 24.05 -3.57
CA GLU A 425 11.12 25.29 -2.82
C GLU A 425 11.25 26.47 -3.74
N GLN A 426 10.83 27.61 -3.24
CA GLN A 426 11.17 28.86 -3.89
C GLN A 426 11.48 29.88 -2.81
N LYS A 427 12.61 30.57 -2.94
CA LYS A 427 12.95 31.69 -2.08
C LYS A 427 12.53 32.97 -2.80
N VAL A 428 11.82 33.85 -2.11
CA VAL A 428 11.30 35.07 -2.70
C VAL A 428 11.89 36.24 -1.91
N LYS A 429 12.83 36.94 -2.52
CA LYS A 429 13.45 38.12 -1.90
C LYS A 429 12.62 39.35 -2.20
N ILE A 430 12.19 40.05 -1.14
CA ILE A 430 11.33 41.22 -1.30
C ILE A 430 11.90 42.35 -0.48
N ASP A 431 12.17 43.45 -1.16
CA ASP A 431 12.71 44.64 -0.51
C ASP A 431 11.61 45.67 -0.49
N ASN A 432 11.22 46.08 0.71
CA ASN A 432 10.22 47.11 0.87
C ASN A 432 10.86 48.47 0.81
N LYS A 433 10.13 49.41 0.23
CA LYS A 433 10.67 50.75 -0.05
C LYS A 433 9.83 51.82 0.58
N LYS A 434 10.48 52.92 0.97
CA LYS A 434 9.77 54.19 1.19
C LYS A 434 9.40 54.78 -0.16
CA CA B . -9.10 20.43 -0.43
I IOD C . -4.16 15.86 -6.54
#